data_4A7I
#
_entry.id   4A7I
#
_cell.length_a   56.253
_cell.length_b   72.042
_cell.length_c   77.416
_cell.angle_alpha   90.00
_cell.angle_beta   90.00
_cell.angle_gamma   90.00
#
_symmetry.space_group_name_H-M   'P 21 21 21'
#
loop_
_entity.id
_entity.type
_entity.pdbx_description
1 polymer 'FACTOR X LIGHT CHAIN'
2 polymer 'ACTIVATED FACTOR XA HEAVY CHAIN XA'
3 non-polymer 'CALCIUM ION'
4 non-polymer '5-CHLORO-THIOPHENE-2-CARBOXYLIC ACID [2-(1--ISOPROPYL-PIPERIDIN-4-YLSULFAMOYL)-ETHYL]-AMIDE'
5 water water
#
loop_
_entity_poly.entity_id
_entity_poly.type
_entity_poly.pdbx_seq_one_letter_code
_entity_poly.pdbx_strand_id
1 'polypeptide(L)'
;YKDGDQCETSPCQNQGKCKDGLGEYTCTCLEGFEGKNCELFTRKLCSLDNGDCDQFCHEEQNSVVCSCARGYTLADNGKA
CIPTGPYPCGKQTLER
;
A
2 'polypeptide(L)'
;IVGGQECKDGECPWQALLINEENEGFCGGTILSEFYILTAAHCLYQAKRFKVRVGDRNTEQEEGGEAVHEVEVVIKHNRF
TKETYDFDIAVLRLKTPITFRMNVAPACLPERDWAESTLMTQKTGIVSGFGRTHEKGRQSTRLKMLEVPYVDRNSCKLSS
SFIITQNMFCAGYDTKQEDACQGDSGGPHVTRFKDTYFVTGIVSWGEGCARKGKYGIYTKVTAFLKWIDRSMKTRGLPKA
KSHAPEVITSSPLK
;
B
#
# COMPACT_ATOMS: atom_id res chain seq x y z
N ARG A 43 28.75 -2.56 -7.51
CA ARG A 43 28.69 -1.08 -7.44
C ARG A 43 29.37 -0.55 -6.17
N LYS A 44 29.08 0.70 -5.83
CA LYS A 44 29.69 1.32 -4.65
C LYS A 44 28.70 2.04 -3.74
N LEU A 45 29.11 2.20 -2.48
CA LEU A 45 28.30 2.87 -1.46
C LEU A 45 26.88 2.32 -1.35
N CYS A 46 25.90 3.21 -1.35
CA CYS A 46 24.50 2.80 -1.25
C CYS A 46 24.08 1.77 -2.31
N SER A 47 24.80 1.71 -3.43
CA SER A 47 24.46 0.75 -4.47
C SER A 47 24.97 -0.63 -4.07
N LEU A 48 25.85 -0.64 -3.09
CA LEU A 48 26.44 -1.88 -2.58
C LEU A 48 25.69 -2.28 -1.31
N ASP A 49 24.83 -3.30 -1.45
CA ASP A 49 24.01 -3.81 -0.37
C ASP A 49 23.43 -2.71 0.51
N ASN A 50 22.74 -1.76 -0.14
CA ASN A 50 22.12 -0.65 0.55
C ASN A 50 23.08 0.03 1.52
N GLY A 51 24.38 -0.07 1.24
CA GLY A 51 25.38 0.55 2.09
C GLY A 51 25.38 0.00 3.50
N ASP A 52 24.86 -1.22 3.64
CA ASP A 52 24.77 -1.90 4.92
C ASP A 52 23.75 -1.26 5.85
N CYS A 53 22.90 -0.41 5.29
CA CYS A 53 21.85 0.25 6.07
C CYS A 53 20.62 -0.66 6.23
N ASP A 54 19.89 -0.48 7.32
CA ASP A 54 18.67 -1.25 7.58
C ASP A 54 17.58 -0.71 6.65
N GLN A 55 17.51 0.61 6.55
CA GLN A 55 16.48 1.26 5.73
C GLN A 55 17.01 2.25 4.70
N PHE A 56 16.76 3.54 4.92
CA PHE A 56 17.19 4.57 3.96
C PHE A 56 18.70 4.77 3.87
N CYS A 57 19.19 4.82 2.64
CA CYS A 57 20.61 5.02 2.38
C CYS A 57 20.81 6.16 1.38
N HIS A 58 21.72 7.08 1.69
CA HIS A 58 22.02 8.17 0.78
C HIS A 58 23.47 8.62 0.94
N GLU A 59 24.14 8.79 -0.19
CA GLU A 59 25.53 9.21 -0.21
C GLU A 59 25.66 10.71 0.02
N GLU A 60 26.13 11.07 1.21
CA GLU A 60 26.28 12.48 1.57
C GLU A 60 27.74 12.88 1.67
N GLN A 61 28.22 13.64 0.69
CA GLN A 61 29.60 14.10 0.73
C GLN A 61 30.48 12.87 0.62
N ASN A 62 30.07 11.95 -0.25
CA ASN A 62 30.76 10.70 -0.46
C ASN A 62 30.46 9.89 0.80
N SER A 63 31.07 8.71 0.95
CA SER A 63 30.79 7.87 2.12
C SER A 63 29.29 7.58 2.19
N VAL A 64 28.83 6.91 3.24
CA VAL A 64 27.42 6.59 3.36
C VAL A 64 26.76 7.15 4.61
N VAL A 65 25.46 7.45 4.49
CA VAL A 65 24.69 7.97 5.61
C VAL A 65 23.36 7.23 5.66
N CYS A 66 23.08 6.56 6.78
CA CYS A 66 21.85 5.81 6.95
C CYS A 66 20.84 6.59 7.80
N SER A 67 19.57 6.40 7.50
CA SER A 67 18.50 7.05 8.26
C SER A 67 17.31 6.10 8.37
N CYS A 68 16.36 6.42 9.24
CA CYS A 68 15.21 5.55 9.45
C CYS A 68 13.85 6.23 9.33
N ALA A 69 12.83 5.43 9.03
CA ALA A 69 11.47 5.92 8.91
C ALA A 69 10.98 6.42 10.27
N ARG A 70 9.82 7.05 10.28
CA ARG A 70 9.26 7.56 11.53
C ARG A 70 8.87 6.40 12.43
N GLY A 71 9.20 6.53 13.70
CA GLY A 71 8.91 5.47 14.65
C GLY A 71 10.15 4.63 14.91
N TYR A 72 11.26 5.01 14.28
CA TYR A 72 12.52 4.31 14.45
C TYR A 72 13.61 5.33 14.76
N THR A 73 14.68 4.87 15.39
CA THR A 73 15.82 5.73 15.70
C THR A 73 17.06 5.00 15.23
N LEU A 74 17.97 5.71 14.58
CA LEU A 74 19.19 5.10 14.08
C LEU A 74 20.01 4.52 15.23
N ALA A 75 20.50 3.29 15.04
CA ALA A 75 21.29 2.63 16.06
C ALA A 75 22.66 3.28 16.22
N ASP A 76 23.36 2.91 17.28
CA ASP A 76 24.69 3.46 17.56
C ASP A 76 25.63 3.22 16.41
N ASN A 77 25.52 2.04 15.78
CA ASN A 77 26.38 1.70 14.67
C ASN A 77 26.03 2.54 13.43
N GLY A 78 25.03 3.41 13.59
CA GLY A 78 24.60 4.27 12.50
C GLY A 78 24.08 3.51 11.28
N LYS A 79 23.59 2.30 11.49
CA LYS A 79 23.08 1.51 10.37
C LYS A 79 21.74 0.87 10.68
N ALA A 80 21.67 0.14 11.77
CA ALA A 80 20.44 -0.52 12.16
C ALA A 80 19.39 0.50 12.57
N CYS A 81 18.12 0.12 12.47
CA CYS A 81 17.04 1.00 12.87
C CYS A 81 16.30 0.34 14.02
N ILE A 82 16.20 1.06 15.13
CA ILE A 82 15.55 0.54 16.32
C ILE A 82 14.14 1.08 16.45
N PRO A 83 13.16 0.19 16.66
CA PRO A 83 11.77 0.64 16.81
C PRO A 83 11.72 1.44 18.10
N THR A 84 11.08 2.60 18.07
CA THR A 84 10.99 3.43 19.26
C THR A 84 9.77 3.12 20.11
N GLY A 85 9.09 2.02 19.82
CA GLY A 85 7.92 1.66 20.59
C GLY A 85 7.21 0.46 19.99
N PRO A 86 6.06 0.08 20.57
CA PRO A 86 5.32 -1.07 20.04
C PRO A 86 4.69 -0.74 18.69
N TYR A 87 4.50 -1.79 17.90
CA TYR A 87 3.88 -1.67 16.59
C TYR A 87 4.50 -0.63 15.67
N PRO A 88 5.82 -0.74 15.43
CA PRO A 88 6.50 0.21 14.55
C PRO A 88 6.01 -0.05 13.12
N CYS A 89 6.02 0.98 12.29
CA CYS A 89 5.53 0.84 10.92
C CYS A 89 6.29 -0.23 10.14
N GLY A 90 5.58 -0.87 9.21
CA GLY A 90 6.19 -1.89 8.37
C GLY A 90 6.51 -3.24 8.98
N LYS A 91 6.04 -3.49 10.20
CA LYS A 91 6.29 -4.77 10.86
C LYS A 91 5.03 -5.60 11.05
N GLN A 92 5.08 -6.85 10.57
CA GLN A 92 3.95 -7.75 10.75
C GLN A 92 3.82 -7.95 12.26
N THR A 93 2.60 -8.02 12.76
CA THR A 93 2.38 -8.19 14.18
C THR A 93 2.35 -9.64 14.69
N LEU A 94 3.12 -9.89 15.75
CA LEU A 94 3.21 -11.21 16.37
C LEU A 94 2.27 -11.29 17.57
N GLU A 95 2.11 -10.17 18.26
CA GLU A 95 1.25 -10.09 19.45
C GLU A 95 0.68 -8.68 19.56
N ILE B 1 -8.73 -10.06 -4.73
CA ILE B 1 -7.46 -10.72 -5.15
C ILE B 1 -7.78 -12.05 -5.83
N VAL B 2 -7.17 -12.28 -6.99
CA VAL B 2 -7.36 -13.52 -7.73
C VAL B 2 -6.10 -14.32 -7.49
N GLY B 3 -6.26 -15.53 -6.96
CA GLY B 3 -5.09 -16.35 -6.67
C GLY B 3 -4.50 -15.88 -5.35
N GLY B 4 -3.19 -16.02 -5.19
CA GLY B 4 -2.56 -15.60 -3.95
C GLY B 4 -3.07 -16.37 -2.74
N GLN B 5 -2.59 -16.00 -1.57
CA GLN B 5 -2.99 -16.66 -0.32
C GLN B 5 -3.72 -15.69 0.59
N GLU B 6 -4.47 -16.21 1.55
CA GLU B 6 -5.18 -15.33 2.47
C GLU B 6 -4.20 -14.88 3.55
N CYS B 7 -4.37 -13.64 4.03
CA CYS B 7 -3.47 -13.10 5.05
C CYS B 7 -3.67 -13.82 6.36
N LYS B 8 -2.61 -14.46 6.84
CA LYS B 8 -2.69 -15.17 8.10
C LYS B 8 -2.60 -14.15 9.21
N ASP B 9 -2.78 -14.59 10.44
CA ASP B 9 -2.74 -13.72 11.61
C ASP B 9 -1.53 -12.78 11.67
N GLY B 10 -1.82 -11.47 11.58
CA GLY B 10 -0.80 -10.46 11.66
C GLY B 10 0.08 -10.22 10.44
N GLU B 11 -0.26 -10.82 9.30
CA GLU B 11 0.56 -10.63 8.10
C GLU B 11 0.27 -9.35 7.31
N CYS B 12 -0.94 -8.84 7.38
CA CYS B 12 -1.28 -7.63 6.62
C CYS B 12 -1.94 -6.62 7.55
N PRO B 13 -1.25 -6.26 8.63
CA PRO B 13 -1.75 -5.31 9.64
C PRO B 13 -2.07 -3.89 9.18
N TRP B 14 -1.52 -3.48 8.05
CA TRP B 14 -1.74 -2.13 7.54
C TRP B 14 -2.95 -2.04 6.61
N GLN B 15 -3.61 -3.17 6.42
CA GLN B 15 -4.79 -3.23 5.55
C GLN B 15 -5.98 -2.52 6.20
N ALA B 16 -6.64 -1.67 5.42
CA ALA B 16 -7.81 -0.95 5.89
C ALA B 16 -8.92 -1.24 4.90
N LEU B 17 -10.16 -1.27 5.40
CA LEU B 17 -11.32 -1.55 4.55
C LEU B 17 -12.34 -0.42 4.68
N LEU B 18 -12.74 0.16 3.55
CA LEU B 18 -13.72 1.23 3.54
C LEU B 18 -15.10 0.59 3.45
N ILE B 19 -16.01 0.99 4.33
CA ILE B 19 -17.34 0.41 4.32
C ILE B 19 -18.44 1.45 4.12
N ASN B 20 -19.49 1.06 3.43
CA ASN B 20 -20.61 1.95 3.14
C ASN B 20 -21.68 1.93 4.23
N GLU B 21 -22.79 2.63 3.94
CA GLU B 21 -23.92 2.75 4.87
C GLU B 21 -24.39 1.37 5.31
N GLU B 22 -24.20 0.40 4.44
CA GLU B 22 -24.61 -0.97 4.68
C GLU B 22 -23.52 -1.84 5.32
N ASN B 23 -22.42 -1.19 5.71
CA ASN B 23 -21.28 -1.89 6.32
C ASN B 23 -20.64 -2.89 5.36
N GLU B 24 -20.71 -2.57 4.07
CA GLU B 24 -20.13 -3.43 3.04
C GLU B 24 -18.81 -2.81 2.57
N GLY B 25 -17.78 -3.64 2.45
CA GLY B 25 -16.49 -3.14 2.01
C GLY B 25 -16.46 -3.01 0.50
N PHE B 26 -16.22 -1.79 0.01
CA PHE B 26 -16.16 -1.57 -1.43
C PHE B 26 -14.72 -1.27 -1.89
N CYS B 27 -13.90 -0.77 -0.98
CA CYS B 27 -12.51 -0.45 -1.30
C CYS B 27 -11.57 -0.75 -0.15
N GLY B 28 -10.27 -0.71 -0.44
CA GLY B 28 -9.27 -0.94 0.57
C GLY B 28 -8.57 0.36 0.86
N GLY B 29 -7.66 0.32 1.82
CA GLY B 29 -6.89 1.49 2.21
C GLY B 29 -5.65 1.01 2.94
N THR B 30 -4.71 1.92 3.20
CA THR B 30 -3.50 1.55 3.92
C THR B 30 -3.32 2.46 5.13
N ILE B 31 -3.01 1.88 6.28
CA ILE B 31 -2.79 2.66 7.48
C ILE B 31 -1.41 3.31 7.40
N LEU B 32 -1.37 4.63 7.51
CA LEU B 32 -0.10 5.37 7.45
C LEU B 32 0.34 5.77 8.84
N SER B 33 -0.62 6.00 9.72
CA SER B 33 -0.36 6.38 11.09
C SER B 33 -1.68 6.22 11.86
N GLU B 34 -1.69 6.58 13.14
CA GLU B 34 -2.89 6.42 13.95
C GLU B 34 -4.09 7.24 13.47
N PHE B 35 -3.85 8.32 12.72
CA PHE B 35 -4.93 9.18 12.23
C PHE B 35 -5.16 9.16 10.73
N TYR B 36 -4.19 8.68 9.97
CA TYR B 36 -4.31 8.69 8.52
C TYR B 36 -4.38 7.38 7.75
N ILE B 37 -5.24 7.38 6.73
CA ILE B 37 -5.41 6.23 5.87
C ILE B 37 -5.14 6.69 4.45
N LEU B 38 -4.44 5.85 3.69
CA LEU B 38 -4.13 6.15 2.29
C LEU B 38 -5.06 5.30 1.45
N THR B 39 -5.66 5.88 0.41
CA THR B 39 -6.57 5.14 -0.44
C THR B 39 -6.59 5.72 -1.86
N ALA B 40 -7.41 5.16 -2.74
CA ALA B 40 -7.52 5.65 -4.11
C ALA B 40 -8.54 6.77 -4.17
N ALA B 41 -8.28 7.77 -5.00
CA ALA B 41 -9.20 8.89 -5.13
C ALA B 41 -10.50 8.47 -5.79
N HIS B 42 -10.43 7.52 -6.72
CA HIS B 42 -11.63 7.09 -7.41
C HIS B 42 -12.59 6.36 -6.47
N CYS B 43 -12.07 5.78 -5.40
CA CYS B 43 -12.91 5.08 -4.45
C CYS B 43 -13.85 6.04 -3.74
N LEU B 44 -13.46 7.30 -3.64
CA LEU B 44 -14.27 8.31 -2.96
C LEU B 44 -15.61 8.55 -3.63
N TYR B 45 -15.81 7.98 -4.82
CA TYR B 45 -17.07 8.17 -5.54
C TYR B 45 -17.95 6.93 -5.58
N GLN B 46 -17.47 5.83 -5.00
CA GLN B 46 -18.23 4.59 -5.01
C GLN B 46 -19.15 4.44 -3.79
N ALA B 47 -19.27 5.51 -3.02
CA ALA B 47 -20.13 5.53 -1.84
C ALA B 47 -20.32 6.98 -1.38
N LYS B 48 -21.56 7.37 -1.11
CA LYS B 48 -21.86 8.72 -0.69
C LYS B 48 -21.32 9.05 0.70
N ARG B 49 -21.18 8.03 1.53
CA ARG B 49 -20.65 8.21 2.87
C ARG B 49 -20.11 6.87 3.33
N PHE B 50 -18.91 6.88 3.93
CA PHE B 50 -18.29 5.64 4.38
C PHE B 50 -17.49 5.77 5.66
N LYS B 51 -17.15 4.62 6.23
CA LYS B 51 -16.36 4.55 7.45
C LYS B 51 -15.13 3.70 7.14
N VAL B 52 -14.21 3.62 8.08
CA VAL B 52 -12.99 2.84 7.91
C VAL B 52 -12.84 1.76 8.98
N ARG B 53 -12.72 0.51 8.54
CA ARG B 53 -12.55 -0.60 9.47
C ARG B 53 -11.12 -1.15 9.37
N VAL B 54 -10.48 -1.35 10.52
CA VAL B 54 -9.13 -1.90 10.54
C VAL B 54 -9.12 -3.14 11.43
N GLY B 55 -8.04 -3.91 11.36
CA GLY B 55 -7.94 -5.11 12.18
C GLY B 55 -8.89 -6.24 11.84
N ASP B 56 -9.43 -6.23 10.63
CA ASP B 56 -10.38 -7.27 10.20
C ASP B 56 -9.80 -8.20 9.13
N ARG B 57 -10.06 -9.51 9.24
CA ARG B 57 -9.56 -10.47 8.26
C ARG B 57 -10.64 -11.35 7.66
N ASN B 58 -11.80 -11.37 8.32
CA ASN B 58 -12.94 -12.18 7.89
C ASN B 58 -14.19 -11.32 8.09
N THR B 59 -14.70 -10.76 7.00
CA THR B 59 -15.87 -9.87 7.05
C THR B 59 -17.22 -10.51 7.38
N GLU B 60 -17.20 -11.71 7.93
CA GLU B 60 -18.46 -12.37 8.26
C GLU B 60 -18.38 -12.99 9.65
N GLN B 61 -17.53 -12.40 10.48
CA GLN B 61 -17.32 -12.88 11.85
C GLN B 61 -16.88 -11.70 12.70
N GLU B 62 -16.23 -11.99 13.83
CA GLU B 62 -15.76 -10.95 14.73
C GLU B 62 -14.57 -11.43 15.57
N GLU B 63 -13.38 -11.36 14.99
CA GLU B 63 -12.17 -11.79 15.69
C GLU B 63 -11.95 -10.97 16.96
N GLY B 64 -12.77 -9.95 17.15
CA GLY B 64 -12.66 -9.10 18.33
C GLY B 64 -11.63 -8.01 18.17
N GLY B 65 -10.80 -8.12 17.13
CA GLY B 65 -9.78 -7.12 16.91
C GLY B 65 -10.22 -6.02 15.95
N GLU B 66 -11.38 -6.19 15.34
CA GLU B 66 -11.90 -5.20 14.41
C GLU B 66 -12.19 -3.89 15.12
N ALA B 67 -12.14 -2.80 14.37
CA ALA B 67 -12.41 -1.48 14.89
C ALA B 67 -12.89 -0.58 13.76
N VAL B 68 -14.01 0.09 13.98
CA VAL B 68 -14.57 0.98 12.98
C VAL B 68 -14.17 2.40 13.32
N HIS B 69 -13.80 3.16 12.29
CA HIS B 69 -13.38 4.55 12.47
C HIS B 69 -14.13 5.47 11.52
N GLU B 70 -14.52 6.63 12.02
CA GLU B 70 -15.21 7.58 11.19
C GLU B 70 -14.23 8.57 10.58
N VAL B 71 -14.50 8.96 9.34
CA VAL B 71 -13.66 9.87 8.61
C VAL B 71 -13.95 11.31 8.99
N GLU B 72 -12.91 12.04 9.39
CA GLU B 72 -13.07 13.43 9.75
C GLU B 72 -12.86 14.31 8.53
N VAL B 73 -11.76 14.07 7.83
CA VAL B 73 -11.44 14.85 6.64
C VAL B 73 -11.05 13.93 5.49
N VAL B 74 -11.53 14.26 4.29
CA VAL B 74 -11.21 13.51 3.10
C VAL B 74 -10.39 14.44 2.22
N ILE B 75 -9.11 14.11 2.04
CA ILE B 75 -8.20 14.92 1.24
C ILE B 75 -7.92 14.29 -0.12
N LYS B 76 -8.70 14.65 -1.12
CA LYS B 76 -8.53 14.11 -2.46
C LYS B 76 -7.57 14.97 -3.26
N HIS B 77 -6.84 14.35 -4.19
CA HIS B 77 -5.90 15.09 -5.02
C HIS B 77 -6.73 15.88 -6.03
N ASN B 78 -6.59 17.19 -6.02
CA ASN B 78 -7.34 18.06 -6.92
C ASN B 78 -7.08 17.84 -8.41
N ARG B 79 -6.14 16.95 -8.75
CA ARG B 79 -5.87 16.69 -10.16
C ARG B 79 -6.29 15.31 -10.60
N PHE B 80 -7.03 14.61 -9.75
CA PHE B 80 -7.49 13.28 -10.12
C PHE B 80 -8.47 13.40 -11.27
N THR B 81 -8.37 12.49 -12.24
CA THR B 81 -9.26 12.53 -13.38
C THR B 81 -9.91 11.19 -13.67
N LYS B 82 -11.24 11.15 -13.57
CA LYS B 82 -12.01 9.94 -13.80
C LYS B 82 -11.81 9.39 -15.21
N GLU B 83 -11.41 10.27 -16.13
CA GLU B 83 -11.22 9.88 -17.52
C GLU B 83 -10.03 8.96 -17.74
N THR B 84 -8.98 9.16 -16.95
CA THR B 84 -7.76 8.35 -17.09
C THR B 84 -7.33 7.69 -15.79
N TYR B 85 -7.96 8.06 -14.69
CA TYR B 85 -7.63 7.51 -13.38
C TYR B 85 -6.25 8.00 -12.95
N ASP B 86 -5.81 9.11 -13.53
CA ASP B 86 -4.52 9.68 -13.20
C ASP B 86 -4.66 10.40 -11.86
N PHE B 87 -3.57 10.48 -11.10
CA PHE B 87 -3.59 11.10 -9.77
C PHE B 87 -4.61 10.38 -8.89
N ASP B 88 -4.67 9.06 -9.02
CA ASP B 88 -5.61 8.27 -8.24
C ASP B 88 -5.08 8.05 -6.83
N ILE B 89 -5.19 9.09 -6.01
CA ILE B 89 -4.71 9.03 -4.63
C ILE B 89 -5.51 9.95 -3.74
N ALA B 90 -5.61 9.60 -2.47
CA ALA B 90 -6.34 10.39 -1.49
C ALA B 90 -5.92 9.95 -0.09
N VAL B 91 -6.00 10.88 0.86
CA VAL B 91 -5.64 10.60 2.24
C VAL B 91 -6.83 10.86 3.15
N LEU B 92 -7.08 9.95 4.08
CA LEU B 92 -8.19 10.09 5.00
C LEU B 92 -7.72 10.40 6.40
N ARG B 93 -8.32 11.41 7.02
CA ARG B 93 -7.98 11.77 8.39
C ARG B 93 -9.13 11.23 9.23
N LEU B 94 -8.81 10.37 10.20
CA LEU B 94 -9.82 9.78 11.06
C LEU B 94 -10.20 10.67 12.25
N LYS B 95 -11.45 10.57 12.70
CA LYS B 95 -11.93 11.36 13.84
C LYS B 95 -11.22 10.89 15.11
N THR B 96 -11.19 9.57 15.30
CA THR B 96 -10.53 8.98 16.46
C THR B 96 -9.28 8.23 16.02
N PRO B 97 -8.25 8.19 16.88
CA PRO B 97 -6.98 7.51 16.59
C PRO B 97 -7.07 6.00 16.58
N ILE B 98 -6.33 5.36 15.69
CA ILE B 98 -6.30 3.90 15.60
C ILE B 98 -5.42 3.37 16.74
N THR B 99 -5.84 2.27 17.36
CA THR B 99 -5.05 1.69 18.43
C THR B 99 -4.29 0.53 17.81
N PHE B 100 -2.99 0.69 17.65
CA PHE B 100 -2.20 -0.36 17.07
C PHE B 100 -2.23 -1.57 17.97
N ARG B 101 -2.28 -2.74 17.35
CA ARG B 101 -2.33 -3.99 18.08
C ARG B 101 -2.20 -5.11 17.06
N MET B 102 -2.45 -6.34 17.48
CA MET B 102 -2.37 -7.48 16.59
C MET B 102 -3.27 -7.18 15.37
N ASN B 103 -2.72 -7.30 14.17
CA ASN B 103 -3.47 -7.04 12.95
C ASN B 103 -3.80 -5.58 12.69
N VAL B 104 -3.31 -4.70 13.54
CA VAL B 104 -3.57 -3.28 13.34
C VAL B 104 -2.28 -2.49 13.51
N ALA B 105 -1.61 -2.20 12.40
CA ALA B 105 -0.35 -1.46 12.40
C ALA B 105 -0.17 -0.75 11.07
N PRO B 106 0.62 0.34 11.06
CA PRO B 106 0.87 1.09 9.84
C PRO B 106 2.05 0.59 9.02
N ALA B 107 2.00 0.86 7.71
CA ALA B 107 3.08 0.50 6.82
C ALA B 107 4.00 1.74 6.83
N CYS B 108 5.28 1.57 6.53
CA CYS B 108 6.18 2.71 6.53
C CYS B 108 6.19 3.48 5.21
N LEU B 109 6.42 4.78 5.31
CA LEU B 109 6.52 5.63 4.12
C LEU B 109 8.01 5.78 3.86
N PRO B 110 8.47 5.42 2.67
CA PRO B 110 9.90 5.53 2.35
C PRO B 110 10.19 6.92 1.79
N GLU B 111 11.45 7.15 1.44
CA GLU B 111 11.86 8.41 0.85
C GLU B 111 11.84 8.13 -0.64
N ARG B 112 11.50 9.14 -1.44
CA ARG B 112 11.40 8.96 -2.89
C ARG B 112 12.59 8.27 -3.56
N ASP B 113 13.76 8.90 -3.49
CA ASP B 113 14.94 8.34 -4.14
C ASP B 113 15.29 6.91 -3.73
N TRP B 114 15.36 6.68 -2.43
CA TRP B 114 15.70 5.36 -1.95
C TRP B 114 14.66 4.36 -2.42
N ALA B 115 13.39 4.75 -2.31
CA ALA B 115 12.29 3.91 -2.72
C ALA B 115 12.38 3.52 -4.18
N GLU B 116 12.62 4.49 -5.05
CA GLU B 116 12.69 4.20 -6.47
C GLU B 116 13.88 3.35 -6.90
N SER B 117 15.03 3.59 -6.29
CA SER B 117 16.22 2.82 -6.65
C SER B 117 16.37 1.50 -5.90
N THR B 118 15.77 1.39 -4.73
CA THR B 118 15.91 0.16 -3.95
C THR B 118 14.66 -0.69 -3.74
N LEU B 119 13.51 -0.06 -3.52
CA LEU B 119 12.28 -0.83 -3.31
C LEU B 119 11.66 -1.27 -4.63
N MET B 120 11.48 -0.31 -5.54
CA MET B 120 10.87 -0.59 -6.82
C MET B 120 11.74 -1.38 -7.79
N THR B 121 13.01 -1.57 -7.42
CA THR B 121 13.91 -2.34 -8.26
C THR B 121 13.92 -3.80 -7.78
N GLN B 122 13.21 -4.06 -6.68
CA GLN B 122 13.11 -5.40 -6.12
C GLN B 122 12.31 -6.25 -7.09
N LYS B 123 12.38 -7.57 -6.93
CA LYS B 123 11.64 -8.47 -7.80
C LYS B 123 10.13 -8.29 -7.68
N THR B 124 9.62 -8.33 -6.45
CA THR B 124 8.19 -8.22 -6.25
C THR B 124 7.73 -7.27 -5.16
N GLY B 125 6.42 -7.08 -5.15
CA GLY B 125 5.76 -6.26 -4.17
C GLY B 125 4.59 -7.11 -3.69
N ILE B 126 3.78 -6.60 -2.77
CA ILE B 126 2.66 -7.35 -2.27
C ILE B 126 1.41 -6.52 -2.19
N VAL B 127 0.36 -7.01 -2.85
CA VAL B 127 -0.92 -6.33 -2.83
C VAL B 127 -1.84 -7.19 -2.00
N SER B 128 -2.88 -6.60 -1.41
CA SER B 128 -3.80 -7.37 -0.60
C SER B 128 -5.16 -6.70 -0.54
N GLY B 129 -6.17 -7.43 -0.05
CA GLY B 129 -7.50 -6.86 0.05
C GLY B 129 -8.66 -7.84 0.10
N PHE B 130 -9.85 -7.27 0.22
CA PHE B 130 -11.10 -8.04 0.29
C PHE B 130 -11.84 -8.10 -1.05
N GLY B 131 -11.17 -7.69 -2.14
CA GLY B 131 -11.78 -7.70 -3.45
C GLY B 131 -12.10 -9.08 -4.01
N ARG B 132 -12.74 -9.11 -5.18
CA ARG B 132 -13.13 -10.34 -5.84
C ARG B 132 -11.98 -11.31 -6.10
N THR B 133 -12.29 -12.61 -6.03
CA THR B 133 -11.27 -13.63 -6.28
C THR B 133 -11.34 -14.08 -7.74
N HIS B 134 -12.29 -13.52 -8.48
CA HIS B 134 -12.49 -13.79 -9.90
C HIS B 134 -13.05 -12.48 -10.47
N GLU B 135 -12.76 -12.20 -11.73
CA GLU B 135 -13.22 -10.96 -12.34
C GLU B 135 -14.72 -10.73 -12.17
N LYS B 136 -15.51 -11.79 -12.34
CA LYS B 136 -16.96 -11.68 -12.21
C LYS B 136 -17.53 -12.12 -10.86
N GLY B 137 -16.70 -12.71 -10.01
CA GLY B 137 -17.17 -13.16 -8.71
C GLY B 137 -17.58 -12.04 -7.78
N ARG B 138 -17.79 -12.36 -6.50
CA ARG B 138 -18.19 -11.36 -5.51
C ARG B 138 -17.02 -11.05 -4.59
N GLN B 139 -17.17 -9.99 -3.78
CA GLN B 139 -16.13 -9.57 -2.84
C GLN B 139 -15.77 -10.73 -1.92
N SER B 140 -14.48 -10.87 -1.63
CA SER B 140 -14.00 -11.95 -0.76
C SER B 140 -14.34 -11.59 0.70
N THR B 141 -14.58 -12.61 1.53
CA THR B 141 -14.89 -12.35 2.93
C THR B 141 -13.64 -12.49 3.78
N ARG B 142 -12.61 -13.11 3.21
CA ARG B 142 -11.34 -13.26 3.90
C ARG B 142 -10.31 -12.37 3.23
N LEU B 143 -9.51 -11.68 4.03
CA LEU B 143 -8.46 -10.81 3.51
C LEU B 143 -7.42 -11.65 2.80
N LYS B 144 -7.03 -11.25 1.59
CA LYS B 144 -6.03 -11.99 0.85
C LYS B 144 -4.83 -11.12 0.49
N MET B 145 -3.73 -11.78 0.15
CA MET B 145 -2.49 -11.11 -0.22
C MET B 145 -1.97 -11.83 -1.45
N LEU B 146 -1.16 -11.14 -2.24
CA LEU B 146 -0.60 -11.71 -3.45
C LEU B 146 0.73 -11.06 -3.75
N GLU B 147 1.74 -11.88 -4.03
CA GLU B 147 3.06 -11.36 -4.37
C GLU B 147 2.99 -11.07 -5.86
N VAL B 148 3.21 -9.81 -6.23
CA VAL B 148 3.14 -9.41 -7.63
C VAL B 148 4.48 -8.84 -8.08
N PRO B 149 5.03 -9.38 -9.18
CA PRO B 149 6.31 -8.92 -9.72
C PRO B 149 6.20 -7.53 -10.32
N TYR B 150 7.23 -6.71 -10.15
CA TYR B 150 7.22 -5.39 -10.76
C TYR B 150 7.31 -5.65 -12.26
N VAL B 151 6.56 -4.89 -13.05
CA VAL B 151 6.58 -5.06 -14.48
C VAL B 151 7.37 -3.97 -15.20
N ASP B 152 8.21 -4.37 -16.13
CA ASP B 152 9.01 -3.43 -16.92
C ASP B 152 8.03 -2.40 -17.47
N ARG B 153 8.37 -1.13 -17.27
CA ARG B 153 7.51 -0.04 -17.72
C ARG B 153 7.17 -0.12 -19.20
N ASN B 154 8.14 -0.48 -20.02
CA ASN B 154 7.92 -0.60 -21.47
C ASN B 154 6.80 -1.59 -21.77
N SER B 155 6.92 -2.81 -21.23
CA SER B 155 5.91 -3.85 -21.42
C SER B 155 4.57 -3.30 -20.98
N CYS B 156 4.57 -2.68 -19.81
CA CYS B 156 3.40 -2.09 -19.20
C CYS B 156 2.63 -1.25 -20.22
N LYS B 157 3.32 -0.25 -20.78
CA LYS B 157 2.70 0.65 -21.74
C LYS B 157 2.22 -0.06 -23.00
N LEU B 158 3.07 -0.93 -23.55
CA LEU B 158 2.72 -1.66 -24.75
C LEU B 158 1.50 -2.55 -24.57
N SER B 159 1.28 -3.02 -23.34
CA SER B 159 0.15 -3.90 -23.06
C SER B 159 -1.15 -3.21 -22.69
N SER B 160 -1.08 -1.92 -22.40
CA SER B 160 -2.26 -1.16 -21.98
C SER B 160 -3.04 -0.40 -23.05
N SER B 161 -4.33 -0.65 -23.10
CA SER B 161 -5.22 0.01 -24.04
C SER B 161 -5.42 1.45 -23.58
N PHE B 162 -5.03 1.72 -22.33
CA PHE B 162 -5.16 3.05 -21.74
C PHE B 162 -3.80 3.66 -21.42
N ILE B 163 -3.74 4.98 -21.41
CA ILE B 163 -2.48 5.65 -21.13
C ILE B 163 -1.97 5.37 -19.72
N ILE B 164 -0.71 4.95 -19.63
CA ILE B 164 -0.10 4.71 -18.34
C ILE B 164 0.74 5.95 -18.01
N THR B 165 0.17 6.85 -17.22
CA THR B 165 0.86 8.08 -16.84
C THR B 165 2.05 7.80 -15.94
N GLN B 166 2.83 8.84 -15.63
CA GLN B 166 3.98 8.66 -14.76
C GLN B 166 3.62 8.55 -13.29
N ASN B 167 2.33 8.68 -13.00
CA ASN B 167 1.84 8.56 -11.64
C ASN B 167 1.31 7.13 -11.45
N MET B 168 1.71 6.24 -12.35
CA MET B 168 1.27 4.86 -12.30
C MET B 168 2.42 3.90 -12.58
N PHE B 169 2.19 2.62 -12.30
CA PHE B 169 3.16 1.57 -12.58
C PHE B 169 2.44 0.22 -12.64
N CYS B 170 3.05 -0.75 -13.31
CA CYS B 170 2.45 -2.07 -13.46
C CYS B 170 3.08 -3.10 -12.55
N ALA B 171 2.27 -4.06 -12.15
CA ALA B 171 2.71 -5.16 -11.30
C ALA B 171 1.80 -6.35 -11.63
N GLY B 172 2.32 -7.55 -11.48
CA GLY B 172 1.52 -8.71 -11.79
C GLY B 172 2.16 -9.64 -12.80
N TYR B 173 1.34 -10.46 -13.44
CA TYR B 173 1.82 -11.43 -14.41
C TYR B 173 1.17 -11.26 -15.78
N ASP B 174 1.90 -11.63 -16.82
CA ASP B 174 1.36 -11.53 -18.16
C ASP B 174 0.27 -12.55 -18.42
N THR B 175 0.52 -13.81 -18.03
CA THR B 175 -0.47 -14.86 -18.25
C THR B 175 -0.92 -15.62 -17.01
N LYS B 176 -0.10 -15.65 -15.97
CA LYS B 176 -0.48 -16.37 -14.75
C LYS B 176 -1.76 -15.75 -14.20
N GLN B 177 -2.73 -16.59 -13.84
CA GLN B 177 -4.02 -16.13 -13.32
C GLN B 177 -4.01 -15.63 -11.88
N GLU B 178 -3.23 -14.60 -11.62
CA GLU B 178 -3.13 -13.99 -10.29
C GLU B 178 -3.03 -12.49 -10.49
N ASP B 179 -3.84 -11.74 -9.75
CA ASP B 179 -3.86 -10.29 -9.88
C ASP B 179 -4.80 -9.73 -8.84
N ALA B 180 -4.81 -8.42 -8.69
CA ALA B 180 -5.72 -7.78 -7.75
C ALA B 180 -7.00 -7.72 -8.57
N CYS B 181 -8.11 -7.29 -7.97
CA CYS B 181 -9.36 -7.20 -8.72
C CYS B 181 -10.29 -6.17 -8.10
N GLN B 182 -11.48 -6.02 -8.68
CA GLN B 182 -12.45 -5.05 -8.17
C GLN B 182 -12.67 -5.23 -6.67
N GLY B 183 -12.55 -4.14 -5.92
CA GLY B 183 -12.73 -4.21 -4.47
C GLY B 183 -11.41 -4.00 -3.74
N ASP B 184 -10.31 -4.40 -4.37
CA ASP B 184 -9.00 -4.22 -3.74
C ASP B 184 -8.54 -2.77 -3.93
N SER B 185 -9.24 -2.04 -4.80
CA SER B 185 -8.94 -0.64 -5.10
C SER B 185 -8.69 0.18 -3.85
N GLY B 186 -7.73 1.09 -3.93
CA GLY B 186 -7.39 1.93 -2.80
C GLY B 186 -6.54 1.16 -1.79
N GLY B 187 -6.46 -0.15 -1.99
CA GLY B 187 -5.69 -0.99 -1.08
C GLY B 187 -4.18 -0.85 -1.12
N PRO B 188 -3.48 -1.61 -0.28
CA PRO B 188 -2.01 -1.59 -0.19
C PRO B 188 -1.20 -2.39 -1.19
N HIS B 189 -0.13 -1.75 -1.65
CA HIS B 189 0.84 -2.41 -2.48
C HIS B 189 2.09 -2.02 -1.68
N VAL B 190 2.69 -3.00 -1.01
CA VAL B 190 3.86 -2.73 -0.20
C VAL B 190 5.02 -3.62 -0.67
N THR B 191 6.23 -3.12 -0.49
CA THR B 191 7.43 -3.85 -0.87
C THR B 191 8.24 -4.12 0.39
N ARG B 192 8.70 -5.34 0.50
CA ARG B 192 9.47 -5.79 1.65
C ARG B 192 10.97 -5.54 1.48
N PHE B 193 11.60 -5.07 2.56
CA PHE B 193 13.03 -4.83 2.57
C PHE B 193 13.52 -5.11 3.98
N LYS B 194 14.35 -6.14 4.14
CA LYS B 194 14.87 -6.54 5.44
C LYS B 194 13.78 -6.65 6.50
N ASP B 195 12.71 -7.36 6.16
CA ASP B 195 11.59 -7.56 7.07
C ASP B 195 10.76 -6.34 7.41
N THR B 196 10.95 -5.25 6.69
CA THR B 196 10.18 -4.07 6.92
C THR B 196 9.39 -3.79 5.64
N TYR B 197 8.09 -3.55 5.79
CA TYR B 197 7.23 -3.31 4.64
C TYR B 197 6.93 -1.82 4.39
N PHE B 198 7.29 -1.37 3.20
CA PHE B 198 7.11 0.02 2.81
C PHE B 198 5.99 0.21 1.80
N VAL B 199 5.20 1.26 1.98
CA VAL B 199 4.11 1.56 1.06
C VAL B 199 4.72 1.96 -0.28
N THR B 200 4.41 1.21 -1.33
CA THR B 200 4.97 1.53 -2.64
C THR B 200 3.90 1.83 -3.67
N GLY B 201 2.65 1.52 -3.37
CA GLY B 201 1.60 1.77 -4.32
C GLY B 201 0.20 1.66 -3.77
N ILE B 202 -0.75 2.08 -4.59
CA ILE B 202 -2.18 2.04 -4.26
C ILE B 202 -2.86 1.25 -5.37
N VAL B 203 -3.64 0.24 -4.99
CA VAL B 203 -4.35 -0.57 -5.99
C VAL B 203 -5.22 0.44 -6.76
N SER B 204 -4.95 0.62 -8.05
CA SER B 204 -5.67 1.60 -8.84
C SER B 204 -6.69 1.03 -9.81
N TRP B 205 -6.22 0.33 -10.84
CA TRP B 205 -7.14 -0.23 -11.80
C TRP B 205 -6.51 -1.27 -12.70
N GLY B 206 -7.33 -1.80 -13.59
CA GLY B 206 -6.88 -2.82 -14.52
C GLY B 206 -8.01 -3.09 -15.50
N GLU B 207 -7.67 -3.64 -16.66
CA GLU B 207 -8.68 -3.98 -17.66
C GLU B 207 -9.15 -5.38 -17.28
N GLY B 208 -10.23 -5.43 -16.52
CA GLY B 208 -10.72 -6.71 -16.06
C GLY B 208 -9.86 -7.13 -14.89
N CYS B 209 -9.63 -8.43 -14.75
CA CYS B 209 -8.82 -8.95 -13.67
C CYS B 209 -8.06 -10.19 -14.14
N ALA B 210 -6.75 -10.20 -13.89
CA ALA B 210 -5.90 -11.32 -14.27
C ALA B 210 -5.96 -11.70 -15.76
N ARG B 211 -6.46 -10.81 -16.60
CA ARG B 211 -6.53 -11.10 -18.03
C ARG B 211 -5.13 -11.30 -18.61
N LYS B 212 -5.02 -12.16 -19.61
CA LYS B 212 -3.72 -12.43 -20.25
C LYS B 212 -3.26 -11.18 -20.99
N GLY B 213 -1.96 -10.91 -20.94
CA GLY B 213 -1.44 -9.73 -21.62
C GLY B 213 -1.75 -8.43 -20.90
N LYS B 214 -2.38 -8.53 -19.73
CA LYS B 214 -2.73 -7.36 -18.95
C LYS B 214 -2.06 -7.42 -17.59
N TYR B 215 -1.89 -6.27 -16.96
CA TYR B 215 -1.25 -6.19 -15.66
C TYR B 215 -2.11 -5.35 -14.73
N GLY B 216 -1.73 -5.36 -13.45
CA GLY B 216 -2.45 -4.57 -12.47
C GLY B 216 -1.80 -3.19 -12.51
N ILE B 217 -2.62 -2.14 -12.46
CA ILE B 217 -2.09 -0.78 -12.51
C ILE B 217 -2.21 -0.13 -11.13
N TYR B 218 -1.11 0.39 -10.63
CA TYR B 218 -1.08 1.01 -9.32
C TYR B 218 -0.64 2.46 -9.36
N THR B 219 -1.07 3.24 -8.36
CA THR B 219 -0.66 4.63 -8.27
C THR B 219 0.76 4.63 -7.73
N LYS B 220 1.68 5.29 -8.42
CA LYS B 220 3.07 5.34 -7.99
C LYS B 220 3.18 6.24 -6.76
N VAL B 221 3.12 5.63 -5.58
CA VAL B 221 3.20 6.33 -4.31
C VAL B 221 4.41 7.26 -4.18
N THR B 222 5.56 6.82 -4.68
CA THR B 222 6.77 7.63 -4.60
C THR B 222 6.61 8.99 -5.27
N ALA B 223 5.66 9.10 -6.19
CA ALA B 223 5.42 10.34 -6.90
C ALA B 223 4.57 11.31 -6.07
N PHE B 224 4.02 10.83 -4.96
CA PHE B 224 3.17 11.66 -4.12
C PHE B 224 3.62 11.76 -2.66
N LEU B 225 4.85 11.38 -2.39
CA LEU B 225 5.38 11.42 -1.03
C LEU B 225 5.26 12.79 -0.38
N LYS B 226 5.67 13.84 -1.11
CA LYS B 226 5.58 15.20 -0.58
C LYS B 226 4.12 15.55 -0.33
N TRP B 227 3.27 15.22 -1.30
CA TRP B 227 1.85 15.49 -1.21
C TRP B 227 1.25 14.77 0.00
N ILE B 228 1.71 13.56 0.24
CA ILE B 228 1.21 12.77 1.37
C ILE B 228 1.61 13.43 2.68
N ASP B 229 2.88 13.84 2.79
CA ASP B 229 3.35 14.48 4.01
C ASP B 229 2.54 15.75 4.27
N ARG B 230 2.34 16.54 3.21
CA ARG B 230 1.58 17.77 3.32
C ARG B 230 0.19 17.44 3.85
N SER B 231 -0.47 16.46 3.24
CA SER B 231 -1.81 16.07 3.66
C SER B 231 -1.88 15.68 5.14
N MET B 232 -0.84 15.01 5.62
CA MET B 232 -0.80 14.57 7.01
C MET B 232 -0.51 15.68 8.02
N LYS B 233 0.35 16.63 7.65
CA LYS B 233 0.66 17.73 8.55
C LYS B 233 -0.62 18.46 8.93
N THR B 234 -1.58 18.45 8.00
CA THR B 234 -2.88 19.09 8.21
C THR B 234 -3.93 18.48 7.29
#